data_5KBX
#
_entry.id   5KBX
#
_cell.length_a   71.696
_cell.length_b   71.696
_cell.length_c   176.389
_cell.angle_alpha   90.000
_cell.angle_beta   90.000
_cell.angle_gamma   90.000
#
_symmetry.space_group_name_H-M   'P 43 21 2'
#
loop_
_entity.id
_entity.type
_entity.pdbx_description
1 polymer 'Phosphorelay intermediate protein YPD1'
2 polymer 'Osmolarity two-component system protein SSK1'
3 non-polymer GLYCEROL
4 non-polymer 'PHOSPHATE ION'
5 water water
#
loop_
_entity_poly.entity_id
_entity_poly.type
_entity_poly.pdbx_seq_one_letter_code
_entity_poly.pdbx_strand_id
1 'polypeptide(L)'
;MSTIPSEIINWTILNEIISMDDDDSDFSKGLIIQFIDQAQTTFAQMQRQLDGEKNLTELDNLGHFLKGSSAALGLQRIAW
VCERIQNLGRKMEHFFPNKTELVNTLSDKSIINGINIDEDDEEIKIQVDDKDENSIYLILIAKALNQSRLEFKLARIELS
KYYNTNL
;
A
2 'polypeptide(L)'
;TTSEKVFPKINVLIVEDNVINQAILGSFLRKHKISYKLAKNGQEAVNIWKEGGLHLIF(MSE)DLQLPVLSGIEAAKQIR
DFEKQNGIGIQKSLNNSHSNLEKGTSKRFSQAPVIIVALTASNSQ(MSE)DKRKALLSGCNDYLTKPVNLHALSKKITEW
GC(MSE)QALIDFDSWKQGESR(MSE)TDSVLVKSPQKPIAPSNPHSFKQATS(MSE)TPTHSPVRKNSNLSPTQIEL
;
B
#
loop_
_chem_comp.id
_chem_comp.type
_chem_comp.name
_chem_comp.formula
GOL non-polymer GLYCEROL 'C3 H8 O3'
PO4 non-polymer 'PHOSPHATE ION' 'O4 P -3'
#
# COMPACT_ATOMS: atom_id res chain seq x y z
N THR A 3 7.95 -17.95 -2.00
CA THR A 3 7.52 -18.56 -3.25
C THR A 3 6.32 -17.82 -3.82
N ILE A 4 6.22 -17.80 -5.15
CA ILE A 4 5.15 -17.05 -5.82
C ILE A 4 3.81 -17.71 -5.50
N PRO A 5 2.76 -16.94 -5.20
CA PRO A 5 1.47 -17.55 -4.89
C PRO A 5 0.90 -18.33 -6.06
N SER A 6 0.05 -19.31 -5.74
CA SER A 6 -0.49 -20.20 -6.77
C SER A 6 -1.63 -19.55 -7.55
N GLU A 7 -2.38 -18.67 -6.92
CA GLU A 7 -3.52 -18.02 -7.56
C GLU A 7 -3.16 -16.62 -8.02
N ILE A 8 -3.81 -16.19 -9.10
CA ILE A 8 -3.55 -14.86 -9.65
C ILE A 8 -4.21 -13.79 -8.79
N ILE A 9 -5.46 -14.01 -8.38
CA ILE A 9 -6.24 -13.04 -7.61
C ILE A 9 -6.42 -13.57 -6.20
N ASN A 10 -6.15 -12.71 -5.22
CA ASN A 10 -6.46 -12.99 -3.81
C ASN A 10 -7.82 -12.36 -3.53
N TRP A 11 -8.88 -13.14 -3.73
CA TRP A 11 -10.24 -12.60 -3.61
C TRP A 11 -10.57 -12.17 -2.20
N THR A 12 -9.86 -12.68 -1.19
CA THR A 12 -10.10 -12.22 0.18
C THR A 12 -9.81 -10.74 0.32
N ILE A 13 -8.78 -10.25 -0.37
CA ILE A 13 -8.44 -8.83 -0.33
C ILE A 13 -9.34 -8.04 -1.28
N LEU A 14 -9.67 -8.62 -2.44
CA LEU A 14 -10.42 -7.87 -3.44
C LEU A 14 -11.91 -7.84 -3.17
N ASN A 15 -12.47 -8.86 -2.51
CA ASN A 15 -13.90 -8.88 -2.25
C ASN A 15 -14.32 -7.76 -1.32
N GLU A 16 -13.49 -7.40 -0.34
CA GLU A 16 -13.82 -6.28 0.53
C GLU A 16 -13.71 -4.95 -0.18
N ILE A 17 -13.02 -4.91 -1.33
CA ILE A 17 -13.04 -3.71 -2.17
C ILE A 17 -14.28 -3.70 -3.05
N ILE A 18 -14.66 -4.87 -3.57
CA ILE A 18 -15.91 -4.99 -4.32
C ILE A 18 -17.12 -4.81 -3.43
N SER A 19 -16.98 -5.08 -2.12
CA SER A 19 -18.07 -4.86 -1.19
C SER A 19 -18.45 -3.38 -1.08
N MET A 20 -17.60 -2.48 -1.55
CA MET A 20 -17.88 -1.05 -1.56
C MET A 20 -18.44 -0.57 -2.88
N ASP A 21 -18.82 -1.48 -3.78
CA ASP A 21 -19.42 -1.12 -5.06
C ASP A 21 -20.93 -0.96 -4.98
N ASP A 22 -21.52 -1.14 -3.80
CA ASP A 22 -22.97 -0.95 -3.66
C ASP A 22 -23.35 0.50 -3.84
N ASP A 23 -22.74 1.39 -3.05
CA ASP A 23 -23.02 2.82 -3.19
C ASP A 23 -22.34 3.38 -4.44
N ASP A 24 -21.01 3.35 -4.48
CA ASP A 24 -20.26 3.79 -5.65
C ASP A 24 -20.25 2.66 -6.67
N SER A 25 -21.17 2.72 -7.63
CA SER A 25 -21.26 1.68 -8.64
C SER A 25 -20.03 1.69 -9.54
N ASP A 26 -19.53 0.49 -9.85
CA ASP A 26 -18.33 0.30 -10.67
C ASP A 26 -17.12 1.00 -10.08
N PHE A 27 -17.04 1.08 -8.75
CA PHE A 27 -15.89 1.68 -8.11
C PHE A 27 -14.66 0.79 -8.23
N SER A 28 -14.83 -0.50 -7.93
CA SER A 28 -13.70 -1.44 -8.01
C SER A 28 -13.21 -1.58 -9.44
N LYS A 29 -14.13 -1.52 -10.41
CA LYS A 29 -13.72 -1.53 -11.82
C LYS A 29 -12.87 -0.30 -12.14
N GLY A 30 -13.21 0.85 -11.56
CA GLY A 30 -12.41 2.04 -11.79
C GLY A 30 -11.00 1.91 -11.25
N LEU A 31 -10.85 1.24 -10.10
CA LEU A 31 -9.51 1.00 -9.56
C LEU A 31 -8.71 0.07 -10.46
N ILE A 32 -9.35 -0.96 -11.01
CA ILE A 32 -8.66 -1.88 -11.90
C ILE A 32 -8.20 -1.15 -13.16
N ILE A 33 -9.08 -0.34 -13.74
CA ILE A 33 -8.70 0.46 -14.90
C ILE A 33 -7.58 1.43 -14.53
N GLN A 34 -7.65 2.01 -13.32
CA GLN A 34 -6.60 2.92 -12.88
C GLN A 34 -5.29 2.17 -12.63
N PHE A 35 -5.37 0.89 -12.24
CA PHE A 35 -4.15 0.12 -12.02
C PHE A 35 -3.50 -0.27 -13.35
N ILE A 36 -4.32 -0.63 -14.34
CA ILE A 36 -3.79 -1.01 -15.65
C ILE A 36 -2.99 0.14 -16.24
N ASP A 37 -3.50 1.37 -16.10
CA ASP A 37 -2.75 2.53 -16.56
C ASP A 37 -1.48 2.73 -15.72
N GLN A 38 -1.53 2.40 -14.43
CA GLN A 38 -0.36 2.55 -13.58
C GLN A 38 0.69 1.49 -13.85
N ALA A 39 0.24 0.25 -14.11
CA ALA A 39 1.19 -0.83 -14.39
C ALA A 39 1.86 -0.64 -15.74
N GLN A 40 1.10 -0.21 -16.76
CA GLN A 40 1.70 0.05 -18.06
C GLN A 40 2.70 1.19 -18.00
N THR A 41 2.39 2.23 -17.22
CA THR A 41 3.33 3.33 -17.05
C THR A 41 4.55 2.89 -16.25
N THR A 42 4.34 2.12 -15.19
CA THR A 42 5.47 1.64 -14.40
C THR A 42 6.35 0.69 -15.20
N PHE A 43 5.74 -0.20 -15.99
CA PHE A 43 6.53 -1.09 -16.83
C PHE A 43 7.34 -0.31 -17.85
N ALA A 44 6.77 0.76 -18.40
CA ALA A 44 7.50 1.58 -19.36
C ALA A 44 8.67 2.30 -18.70
N GLN A 45 8.48 2.76 -17.46
CA GLN A 45 9.57 3.42 -16.76
C GLN A 45 10.67 2.43 -16.38
N MET A 46 10.31 1.19 -16.08
CA MET A 46 11.33 0.16 -15.86
C MET A 46 12.06 -0.14 -17.17
N GLN A 47 11.31 -0.30 -18.26
CA GLN A 47 11.93 -0.58 -19.55
C GLN A 47 12.80 0.59 -20.02
N ARG A 48 12.41 1.82 -19.67
CA ARG A 48 13.19 2.98 -20.07
C ARG A 48 14.55 3.02 -19.38
N GLN A 49 14.64 2.46 -18.18
CA GLN A 49 15.91 2.45 -17.45
C GLN A 49 16.81 1.29 -17.89
N LEU A 50 16.22 0.15 -18.28
CA LEU A 50 17.02 -0.98 -18.71
C LEU A 50 17.70 -0.69 -20.04
N ASP A 51 16.95 -0.15 -21.00
CA ASP A 51 17.50 0.22 -22.30
C ASP A 51 18.16 1.59 -22.29
N GLY A 52 18.01 2.36 -21.21
CA GLY A 52 18.63 3.67 -21.12
C GLY A 52 19.54 3.79 -19.91
N GLU A 53 19.43 4.92 -19.19
CA GLU A 53 20.24 5.12 -18.00
C GLU A 53 19.84 4.12 -16.92
N LYS A 54 20.83 3.49 -16.30
CA LYS A 54 20.61 2.40 -15.36
C LYS A 54 20.80 2.91 -13.93
N ASN A 55 19.73 2.89 -13.15
CA ASN A 55 19.76 3.32 -11.75
C ASN A 55 18.98 2.27 -10.95
N LEU A 56 19.71 1.38 -10.27
CA LEU A 56 19.08 0.28 -9.55
C LEU A 56 18.23 0.79 -8.39
N THR A 57 18.55 1.97 -7.86
CA THR A 57 17.71 2.55 -6.81
C THR A 57 16.34 2.92 -7.34
N GLU A 58 16.28 3.41 -8.59
CA GLU A 58 14.99 3.71 -9.20
C GLU A 58 14.20 2.44 -9.50
N LEU A 59 14.86 1.43 -10.06
CA LEU A 59 14.22 0.14 -10.25
C LEU A 59 13.78 -0.46 -8.93
N ASP A 60 14.53 -0.19 -7.86
CA ASP A 60 14.08 -0.58 -6.52
C ASP A 60 12.80 0.15 -6.15
N ASN A 61 12.73 1.45 -6.43
CA ASN A 61 11.55 2.24 -6.11
C ASN A 61 10.39 1.96 -7.06
N LEU A 62 10.67 1.67 -8.34
CA LEU A 62 9.59 1.36 -9.26
C LEU A 62 8.92 0.05 -8.90
N GLY A 63 9.70 -0.94 -8.48
CA GLY A 63 9.10 -2.20 -8.03
C GLY A 63 8.32 -2.03 -6.74
N HIS A 64 8.82 -1.17 -5.85
CA HIS A 64 8.10 -0.91 -4.60
C HIS A 64 6.78 -0.17 -4.87
N PHE A 65 6.78 0.72 -5.85
CA PHE A 65 5.58 1.50 -6.14
C PHE A 65 4.45 0.63 -6.64
N LEU A 66 4.74 -0.24 -7.61
CA LEU A 66 3.70 -1.10 -8.17
C LEU A 66 3.33 -2.24 -7.22
N LYS A 67 4.23 -2.63 -6.32
CA LYS A 67 3.91 -3.70 -5.38
C LYS A 67 2.83 -3.27 -4.40
N GLY A 68 2.87 -2.02 -3.94
CA GLY A 68 1.89 -1.56 -2.98
C GLY A 68 0.47 -1.51 -3.52
N SER A 69 0.33 -1.24 -4.82
CA SER A 69 -0.99 -1.17 -5.42
C SER A 69 -1.51 -2.54 -5.82
N SER A 70 -0.65 -3.35 -6.44
CA SER A 70 -1.06 -4.69 -6.86
C SER A 70 -1.37 -5.58 -5.66
N ALA A 71 -0.68 -5.40 -4.55
CA ALA A 71 -0.96 -6.19 -3.35
C ALA A 71 -2.27 -5.76 -2.71
N ALA A 72 -2.55 -4.45 -2.69
CA ALA A 72 -3.79 -3.97 -2.11
C ALA A 72 -5.01 -4.35 -2.92
N LEU A 73 -4.83 -4.66 -4.20
CA LEU A 73 -5.92 -5.10 -5.07
C LEU A 73 -6.03 -6.61 -5.15
N GLY A 74 -5.23 -7.34 -4.37
CA GLY A 74 -5.28 -8.79 -4.38
C GLY A 74 -4.52 -9.45 -5.52
N LEU A 75 -3.77 -8.68 -6.31
CA LEU A 75 -3.00 -9.23 -7.41
C LEU A 75 -1.67 -9.73 -6.86
N GLN A 76 -1.72 -10.94 -6.31
CA GLN A 76 -0.57 -11.49 -5.58
C GLN A 76 0.65 -11.64 -6.47
N ARG A 77 0.49 -12.31 -7.62
CA ARG A 77 1.64 -12.67 -8.45
C ARG A 77 2.36 -11.43 -8.98
N ILE A 78 1.61 -10.38 -9.31
CA ILE A 78 2.24 -9.13 -9.74
C ILE A 78 3.03 -8.52 -8.59
N ALA A 79 2.46 -8.51 -7.40
CA ALA A 79 3.16 -7.97 -6.23
C ALA A 79 4.36 -8.83 -5.85
N TRP A 80 4.30 -10.14 -6.15
CA TRP A 80 5.42 -11.01 -5.83
C TRP A 80 6.61 -10.73 -6.72
N VAL A 81 6.38 -10.61 -8.03
CA VAL A 81 7.48 -10.32 -8.95
C VAL A 81 8.03 -8.93 -8.70
N CYS A 82 7.17 -7.97 -8.32
CA CYS A 82 7.63 -6.64 -7.99
C CYS A 82 8.57 -6.66 -6.80
N GLU A 83 8.30 -7.53 -5.82
CA GLU A 83 9.22 -7.69 -4.69
C GLU A 83 10.54 -8.32 -5.13
N ARG A 84 10.50 -9.19 -6.14
CA ARG A 84 11.73 -9.77 -6.66
C ARG A 84 12.58 -8.70 -7.34
N ILE A 85 11.97 -7.90 -8.22
CA ILE A 85 12.67 -6.74 -8.79
C ILE A 85 13.15 -5.81 -7.69
N GLN A 86 12.38 -5.71 -6.61
CA GLN A 86 12.74 -4.82 -5.51
C GLN A 86 14.03 -5.29 -4.84
N ASN A 87 14.19 -6.60 -4.63
CA ASN A 87 15.38 -7.12 -3.98
C ASN A 87 16.55 -7.26 -4.96
N LEU A 88 16.26 -7.46 -6.24
CA LEU A 88 17.35 -7.54 -7.23
C LEU A 88 18.06 -6.20 -7.36
N GLY A 89 17.32 -5.09 -7.31
CA GLY A 89 17.94 -3.79 -7.32
C GLY A 89 18.72 -3.47 -6.05
N ARG A 90 18.38 -4.12 -4.94
CA ARG A 90 19.09 -3.94 -3.68
C ARG A 90 20.21 -4.96 -3.50
N LYS A 91 20.56 -5.72 -4.54
CA LYS A 91 21.63 -6.71 -4.51
C LYS A 91 21.37 -7.83 -3.50
N MET A 92 20.12 -8.00 -3.08
CA MET A 92 19.78 -8.99 -2.06
C MET A 92 19.51 -10.38 -2.65
N GLU A 93 19.12 -10.45 -3.92
CA GLU A 93 18.85 -11.71 -4.59
C GLU A 93 19.71 -11.82 -5.85
N HIS A 94 20.00 -13.05 -6.27
CA HIS A 94 20.90 -13.29 -7.38
C HIS A 94 20.37 -14.30 -8.39
N PHE A 95 19.07 -14.61 -8.34
CA PHE A 95 18.49 -15.55 -9.29
C PHE A 95 17.01 -15.27 -9.43
N PHE A 96 16.51 -15.34 -10.66
CA PHE A 96 15.09 -15.20 -10.95
C PHE A 96 14.71 -16.37 -11.85
N PRO A 97 13.77 -17.21 -11.44
CA PRO A 97 13.45 -18.41 -12.22
C PRO A 97 12.83 -18.06 -13.56
N ASN A 98 12.85 -19.06 -14.46
CA ASN A 98 12.33 -18.87 -15.80
C ASN A 98 10.80 -18.84 -15.80
N LYS A 99 10.24 -18.58 -16.98
CA LYS A 99 8.79 -18.47 -17.09
C LYS A 99 8.12 -19.83 -16.94
N THR A 100 8.65 -20.86 -17.61
CA THR A 100 8.06 -22.19 -17.55
C THR A 100 8.04 -22.71 -16.11
N GLU A 101 8.99 -22.29 -15.28
CA GLU A 101 8.97 -22.70 -13.88
C GLU A 101 7.92 -21.95 -13.08
N LEU A 102 7.68 -20.68 -13.40
CA LEU A 102 6.72 -19.88 -12.65
C LEU A 102 5.28 -20.15 -13.07
N VAL A 103 5.05 -20.48 -14.34
CA VAL A 103 3.68 -20.77 -14.78
C VAL A 103 3.25 -22.18 -14.39
N ASN A 104 4.17 -23.01 -13.91
CA ASN A 104 3.80 -24.34 -13.42
C ASN A 104 3.25 -24.31 -12.00
N THR A 105 3.31 -23.16 -11.33
CA THR A 105 2.81 -23.02 -9.97
C THR A 105 1.34 -22.68 -9.91
N LEU A 106 0.68 -22.48 -11.04
CA LEU A 106 -0.74 -22.13 -11.03
C LEU A 106 -1.57 -23.33 -10.62
N SER A 107 -2.50 -23.12 -9.67
CA SER A 107 -3.37 -24.19 -9.23
C SER A 107 -4.22 -24.71 -10.38
N ASP A 108 -4.95 -23.82 -11.05
CA ASP A 108 -5.72 -24.17 -12.24
C ASP A 108 -4.80 -24.02 -13.45
N LYS A 109 -4.52 -25.13 -14.12
CA LYS A 109 -3.55 -25.15 -15.21
C LYS A 109 -4.17 -24.90 -16.57
N SER A 110 -5.47 -24.62 -16.64
CA SER A 110 -6.12 -24.31 -17.91
C SER A 110 -5.91 -22.86 -18.34
N ILE A 111 -5.12 -22.10 -17.59
CA ILE A 111 -4.95 -20.68 -17.88
C ILE A 111 -3.98 -20.47 -19.03
N ILE A 112 -2.81 -21.09 -18.97
CA ILE A 112 -1.77 -20.84 -19.96
C ILE A 112 -2.07 -21.61 -21.24
N ASN A 113 -2.93 -21.04 -22.08
CA ASN A 113 -3.25 -21.59 -23.40
C ASN A 113 -2.93 -20.57 -24.50
N GLY A 114 -1.91 -19.75 -24.28
CA GLY A 114 -1.52 -18.70 -25.19
C GLY A 114 -0.01 -18.53 -25.17
N ILE A 115 0.48 -17.72 -26.10
CA ILE A 115 1.92 -17.52 -26.25
C ILE A 115 2.38 -16.41 -25.31
N ASN A 116 3.55 -16.61 -24.70
CA ASN A 116 4.18 -15.58 -23.86
C ASN A 116 5.22 -14.85 -24.73
N ILE A 117 5.05 -13.55 -24.86
CA ILE A 117 5.97 -12.74 -25.66
C ILE A 117 7.34 -12.71 -25.00
N LYS A 131 30.01 -7.37 -17.42
CA LYS A 131 31.02 -6.32 -17.56
C LYS A 131 31.12 -5.49 -16.28
N ASP A 132 30.14 -4.64 -16.05
CA ASP A 132 30.12 -3.79 -14.88
C ASP A 132 29.64 -4.57 -13.66
N GLU A 133 29.61 -3.90 -12.51
CA GLU A 133 29.20 -4.56 -11.27
C GLU A 133 27.70 -4.78 -11.18
N ASN A 134 26.92 -4.25 -12.12
CA ASN A 134 25.47 -4.38 -12.11
C ASN A 134 24.92 -5.15 -13.31
N SER A 135 25.78 -5.68 -14.17
CA SER A 135 25.31 -6.31 -15.40
C SER A 135 24.49 -7.56 -15.11
N ILE A 136 24.86 -8.32 -14.08
CA ILE A 136 24.16 -9.55 -13.78
C ILE A 136 22.75 -9.26 -13.26
N TYR A 137 22.62 -8.24 -12.41
CA TYR A 137 21.32 -7.94 -11.82
C TYR A 137 20.37 -7.30 -12.82
N LEU A 138 20.91 -6.48 -13.73
CA LEU A 138 20.07 -5.84 -14.73
C LEU A 138 19.42 -6.87 -15.66
N ILE A 139 20.15 -7.95 -15.97
CA ILE A 139 19.57 -9.02 -16.76
C ILE A 139 18.44 -9.70 -16.00
N LEU A 140 18.62 -9.90 -14.68
CA LEU A 140 17.57 -10.49 -13.87
C LEU A 140 16.37 -9.56 -13.75
N ILE A 141 16.61 -8.25 -13.67
CA ILE A 141 15.51 -7.30 -13.64
C ILE A 141 14.81 -7.24 -14.99
N ALA A 142 15.59 -7.26 -16.08
CA ALA A 142 14.99 -7.32 -17.41
C ALA A 142 14.23 -8.62 -17.62
N LYS A 143 14.71 -9.71 -17.01
CA LYS A 143 13.99 -10.99 -17.11
C LYS A 143 12.75 -10.98 -16.22
N ALA A 144 12.80 -10.30 -15.08
CA ALA A 144 11.66 -10.25 -14.18
C ALA A 144 10.60 -9.27 -14.67
N LEU A 145 11.02 -8.16 -15.29
CA LEU A 145 10.07 -7.22 -15.86
C LEU A 145 9.23 -7.88 -16.95
N ASN A 146 9.85 -8.77 -17.74
CA ASN A 146 9.09 -9.52 -18.74
C ASN A 146 8.14 -10.51 -18.09
N GLN A 147 8.56 -11.14 -17.00
CA GLN A 147 7.65 -12.00 -16.24
C GLN A 147 6.48 -11.20 -15.68
N SER A 148 6.73 -9.94 -15.31
CA SER A 148 5.65 -9.08 -14.85
C SER A 148 4.62 -8.84 -15.95
N ARG A 149 5.07 -8.79 -17.21
CA ARG A 149 4.14 -8.56 -18.31
C ARG A 149 3.19 -9.74 -18.48
N LEU A 150 3.69 -10.97 -18.28
CA LEU A 150 2.82 -12.14 -18.37
C LEU A 150 1.83 -12.16 -17.21
N GLU A 151 2.32 -11.97 -15.98
CA GLU A 151 1.42 -11.91 -14.83
C GLU A 151 0.43 -10.77 -14.94
N PHE A 152 0.84 -9.66 -15.58
CA PHE A 152 -0.09 -8.56 -15.80
C PHE A 152 -1.17 -8.92 -16.80
N LYS A 153 -0.80 -9.65 -17.86
CA LYS A 153 -1.78 -10.07 -18.86
C LYS A 153 -2.72 -11.12 -18.28
N LEU A 154 -2.20 -12.05 -17.48
CA LEU A 154 -3.05 -13.07 -16.87
C LEU A 154 -4.06 -12.45 -15.92
N ALA A 155 -3.65 -11.40 -15.18
CA ALA A 155 -4.57 -10.73 -14.27
C ALA A 155 -5.66 -9.99 -15.03
N ARG A 156 -5.31 -9.37 -16.16
CA ARG A 156 -6.31 -8.66 -16.96
C ARG A 156 -7.33 -9.64 -17.53
N ILE A 157 -6.88 -10.83 -17.94
CA ILE A 157 -7.81 -11.83 -18.44
C ILE A 157 -8.71 -12.33 -17.33
N GLU A 158 -8.15 -12.52 -16.13
CA GLU A 158 -8.94 -13.02 -15.01
C GLU A 158 -9.94 -11.97 -14.53
N LEU A 159 -9.52 -10.70 -14.49
CA LEU A 159 -10.42 -9.64 -14.06
C LEU A 159 -11.45 -9.30 -15.14
N SER A 160 -11.12 -9.55 -16.41
CA SER A 160 -12.08 -9.31 -17.47
C SER A 160 -13.25 -10.28 -17.40
N LYS A 161 -12.97 -11.53 -17.03
CA LYS A 161 -14.04 -12.52 -16.91
C LYS A 161 -14.97 -12.20 -15.74
N TYR A 162 -14.42 -11.69 -14.64
CA TYR A 162 -15.24 -11.36 -13.49
C TYR A 162 -16.15 -10.18 -13.77
N TYR A 163 -15.58 -9.07 -14.24
CA TYR A 163 -16.37 -7.87 -14.51
C TYR A 163 -17.17 -7.98 -15.80
N ASN A 164 -16.99 -9.04 -16.58
CA ASN A 164 -17.72 -9.25 -17.84
C ASN A 164 -17.49 -8.10 -18.82
N THR A 165 -16.33 -7.43 -18.71
CA THR A 165 -15.95 -6.36 -19.63
C THR A 165 -14.52 -6.60 -20.09
N ASN A 166 -14.20 -6.04 -21.26
CA ASN A 166 -12.86 -6.12 -21.81
C ASN A 166 -11.95 -5.24 -20.96
N LEU A 167 -11.15 -5.88 -20.09
CA LEU A 167 -10.29 -5.20 -19.11
C LEU A 167 -11.11 -4.44 -18.06
N LYS B 5 -22.40 -0.81 12.37
CA LYS B 5 -22.07 -0.30 13.70
C LYS B 5 -21.91 1.22 13.68
N VAL B 6 -21.66 1.80 14.85
CA VAL B 6 -21.53 3.24 15.01
C VAL B 6 -20.06 3.61 14.97
N PHE B 7 -19.72 4.59 14.14
CA PHE B 7 -18.36 5.09 14.03
C PHE B 7 -18.23 6.46 14.70
N PRO B 8 -17.10 6.74 15.32
CA PRO B 8 -16.91 8.06 15.96
C PRO B 8 -16.68 9.15 14.93
N LYS B 9 -17.15 10.34 15.25
CA LYS B 9 -17.01 11.51 14.38
C LYS B 9 -15.63 12.13 14.61
N ILE B 10 -14.63 11.56 13.95
CA ILE B 10 -13.25 12.02 14.07
C ILE B 10 -12.72 12.36 12.68
N ASN B 11 -11.65 13.15 12.67
CA ASN B 11 -10.97 13.52 11.43
C ASN B 11 -9.74 12.64 11.25
N VAL B 12 -9.61 12.07 10.05
CA VAL B 12 -8.58 11.08 9.77
C VAL B 12 -7.67 11.60 8.66
N LEU B 13 -6.41 11.20 8.71
CA LEU B 13 -5.45 11.48 7.66
C LEU B 13 -4.74 10.19 7.29
N ILE B 14 -4.81 9.83 6.01
CA ILE B 14 -4.14 8.64 5.48
C ILE B 14 -3.04 9.10 4.54
N VAL B 15 -1.83 8.60 4.77
CA VAL B 15 -0.63 9.05 4.05
C VAL B 15 0.00 7.85 3.38
N GLU B 16 -0.13 7.78 2.05
CA GLU B 16 0.47 6.71 1.26
C GLU B 16 1.02 7.29 -0.03
N ASP B 17 2.06 6.65 -0.57
CA ASP B 17 2.74 7.13 -1.76
C ASP B 17 2.12 6.62 -3.05
N ASN B 18 0.93 6.01 -2.99
CA ASN B 18 0.24 5.51 -4.17
C ASN B 18 -1.20 5.96 -4.12
N VAL B 19 -1.65 6.62 -5.20
CA VAL B 19 -3.01 7.14 -5.24
C VAL B 19 -4.04 6.01 -5.25
N ILE B 20 -3.67 4.84 -5.78
CA ILE B 20 -4.59 3.71 -5.76
C ILE B 20 -4.80 3.22 -4.33
N ASN B 21 -3.74 3.19 -3.52
CA ASN B 21 -3.89 2.85 -2.11
C ASN B 21 -4.68 3.91 -1.37
N GLN B 22 -4.55 5.18 -1.78
N GLN B 22 -4.54 5.19 -1.78
CA GLN B 22 -5.31 6.24 -1.13
CA GLN B 22 -5.31 6.24 -1.14
C GLN B 22 -6.79 6.13 -1.45
C GLN B 22 -6.80 6.12 -1.44
N ALA B 23 -7.14 5.70 -2.66
CA ALA B 23 -8.54 5.56 -3.04
C ALA B 23 -9.21 4.40 -2.32
N ILE B 24 -8.45 3.35 -2.01
CA ILE B 24 -9.04 2.21 -1.31
C ILE B 24 -9.40 2.59 0.12
N LEU B 25 -8.46 3.17 0.85
CA LEU B 25 -8.72 3.57 2.23
C LEU B 25 -9.72 4.73 2.28
N GLY B 26 -9.65 5.64 1.31
CA GLY B 26 -10.59 6.75 1.28
C GLY B 26 -12.02 6.29 0.99
N SER B 27 -12.17 5.20 0.22
CA SER B 27 -13.50 4.69 -0.06
C SER B 27 -14.18 4.17 1.20
N PHE B 28 -13.39 3.57 2.11
CA PHE B 28 -13.96 3.08 3.36
C PHE B 28 -14.40 4.24 4.25
N LEU B 29 -13.58 5.29 4.33
CA LEU B 29 -13.94 6.44 5.14
C LEU B 29 -15.13 7.19 4.55
N ARG B 30 -15.19 7.30 3.22
CA ARG B 30 -16.31 7.98 2.57
C ARG B 30 -17.60 7.19 2.75
N LYS B 31 -17.51 5.85 2.73
CA LYS B 31 -18.70 5.02 2.87
C LYS B 31 -19.32 5.17 4.26
N HIS B 32 -18.51 5.43 5.29
CA HIS B 32 -18.98 5.57 6.65
C HIS B 32 -19.06 7.02 7.10
N LYS B 33 -19.00 7.97 6.16
CA LYS B 33 -19.17 9.40 6.45
C LYS B 33 -18.11 9.92 7.43
N ILE B 34 -16.86 9.48 7.22
CA ILE B 34 -15.74 9.93 8.05
C ILE B 34 -14.98 11.00 7.28
N SER B 35 -14.86 12.18 7.88
CA SER B 35 -14.08 13.25 7.27
C SER B 35 -12.61 12.88 7.25
N TYR B 36 -11.94 13.16 6.13
CA TYR B 36 -10.55 12.77 5.99
C TYR B 36 -9.84 13.68 5.00
N LYS B 37 -8.51 13.64 5.05
CA LYS B 37 -7.65 14.31 4.09
C LYS B 37 -6.64 13.30 3.56
N LEU B 38 -6.02 13.65 2.43
CA LEU B 38 -5.02 12.80 1.80
C LEU B 38 -3.67 13.51 1.80
N ALA B 39 -2.61 12.73 2.02
CA ALA B 39 -1.24 13.23 1.97
C ALA B 39 -0.39 12.31 1.11
N LYS B 40 0.48 12.91 0.30
CA LYS B 40 1.35 12.20 -0.63
C LYS B 40 2.60 11.65 0.03
N ASN B 41 3.22 12.43 0.91
CA ASN B 41 4.46 12.03 1.56
C ASN B 41 4.41 12.49 3.02
N GLY B 42 5.55 12.39 3.70
CA GLY B 42 5.58 12.75 5.11
C GLY B 42 5.57 14.25 5.34
N GLN B 43 6.21 15.00 4.45
CA GLN B 43 6.24 16.46 4.61
C GLN B 43 4.84 17.05 4.50
N GLU B 44 4.01 16.49 3.61
CA GLU B 44 2.63 16.93 3.52
C GLU B 44 1.85 16.56 4.79
N ALA B 45 2.14 15.39 5.36
CA ALA B 45 1.43 14.95 6.56
C ALA B 45 1.72 15.89 7.73
N VAL B 46 2.97 16.34 7.86
CA VAL B 46 3.31 17.29 8.93
C VAL B 46 2.61 18.62 8.69
N ASN B 47 2.61 19.09 7.43
CA ASN B 47 1.97 20.36 7.13
C ASN B 47 0.46 20.28 7.33
N ILE B 48 -0.16 19.17 6.92
CA ILE B 48 -1.60 19.01 7.11
C ILE B 48 -1.93 18.90 8.60
N TRP B 49 -1.08 18.21 9.37
CA TRP B 49 -1.30 18.12 10.81
C TRP B 49 -1.19 19.48 11.49
N LYS B 50 -0.32 20.36 10.97
CA LYS B 50 -0.19 21.70 11.55
C LYS B 50 -1.48 22.49 11.40
N GLU B 51 -2.30 22.16 10.39
CA GLU B 51 -3.59 22.84 10.20
C GLU B 51 -4.59 22.52 11.31
N GLY B 52 -4.31 21.53 12.14
CA GLY B 52 -5.16 21.21 13.27
C GLY B 52 -6.42 20.47 12.88
N GLY B 53 -7.07 19.90 13.90
CA GLY B 53 -8.31 19.18 13.73
C GLY B 53 -8.18 17.68 13.60
N LEU B 54 -6.97 17.18 13.35
CA LEU B 54 -6.78 15.75 13.16
C LEU B 54 -6.92 14.99 14.48
N HIS B 55 -7.46 13.79 14.38
CA HIS B 55 -7.57 12.87 15.52
C HIS B 55 -6.80 11.58 15.31
N LEU B 56 -6.80 11.05 14.08
CA LEU B 56 -6.23 9.74 13.79
C LEU B 56 -5.49 9.80 12.46
N ILE B 57 -4.25 9.34 12.44
CA ILE B 57 -3.40 9.38 11.25
C ILE B 57 -2.95 7.97 10.93
N PHE B 58 -3.28 7.51 9.71
CA PHE B 58 -2.78 6.24 9.18
C PHE B 58 -1.64 6.57 8.23
N MSE B 59 -0.41 6.37 8.69
CA MSE B 59 0.75 6.79 7.90
C MSE B 59 1.70 5.64 7.58
O MSE B 59 2.04 4.84 8.44
CB MSE B 59 1.51 7.89 8.66
CG MSE B 59 2.66 8.48 7.87
SE MSE B 59 3.23 10.16 8.63
CE MSE B 59 3.55 9.58 10.46
N ASP B 60 2.09 5.57 6.31
CA ASP B 60 3.07 4.59 5.87
C ASP B 60 4.46 5.00 6.35
N LEU B 61 5.26 4.01 6.77
CA LEU B 61 6.58 4.30 7.30
C LEU B 61 7.53 4.78 6.20
N GLN B 62 7.47 4.16 5.03
CA GLN B 62 8.33 4.52 3.92
C GLN B 62 7.60 5.48 2.98
N LEU B 63 8.08 6.71 2.89
CA LEU B 63 7.50 7.76 2.09
C LEU B 63 8.57 8.45 1.26
N PRO B 64 8.21 9.01 0.10
CA PRO B 64 9.23 9.53 -0.82
C PRO B 64 10.08 10.66 -0.25
N VAL B 65 9.46 11.79 0.08
CA VAL B 65 10.21 12.96 0.51
C VAL B 65 10.69 12.80 1.95
N LEU B 66 9.75 12.68 2.89
CA LEU B 66 10.06 12.52 4.30
C LEU B 66 9.41 11.24 4.80
N SER B 67 10.22 10.36 5.39
CA SER B 67 9.71 9.08 5.84
C SER B 67 8.66 9.25 6.94
N GLY B 68 7.77 8.27 7.05
CA GLY B 68 6.76 8.31 8.09
C GLY B 68 7.34 8.26 9.48
N ILE B 69 8.52 7.66 9.64
CA ILE B 69 9.19 7.64 10.93
C ILE B 69 9.56 9.06 11.35
N GLU B 70 10.25 9.78 10.47
CA GLU B 70 10.66 11.14 10.79
C GLU B 70 9.47 12.08 10.91
N ALA B 71 8.43 11.85 10.11
CA ALA B 71 7.22 12.67 10.23
C ALA B 71 6.54 12.46 11.57
N ALA B 72 6.49 11.20 12.03
CA ALA B 72 5.90 10.93 13.34
C ALA B 72 6.73 11.55 14.46
N LYS B 73 8.05 11.45 14.38
CA LYS B 73 8.91 12.08 15.37
C LYS B 73 8.77 13.60 15.31
N GLN B 74 8.59 14.15 14.11
CA GLN B 74 8.43 15.59 13.98
C GLN B 74 7.10 16.06 14.54
N ILE B 75 6.06 15.22 14.46
CA ILE B 75 4.78 15.58 15.04
C ILE B 75 4.82 15.47 16.56
N ARG B 76 5.46 14.43 17.07
CA ARG B 76 5.55 14.25 18.52
C ARG B 76 6.40 15.35 19.16
N ASP B 77 7.44 15.80 18.46
CA ASP B 77 8.27 16.88 18.99
C ASP B 77 7.50 18.20 18.99
N PHE B 78 6.70 18.46 17.96
CA PHE B 78 5.90 19.68 17.93
C PHE B 78 4.81 19.66 19.00
N GLU B 79 4.29 18.47 19.32
CA GLU B 79 3.28 18.38 20.37
C GLU B 79 3.87 18.70 21.74
N LYS B 80 5.12 18.31 21.98
CA LYS B 80 5.74 18.59 23.27
C LYS B 80 6.04 20.08 23.43
N GLN B 81 6.41 20.75 22.34
CA GLN B 81 6.70 22.17 22.41
C GLN B 81 5.45 22.98 22.71
N ASN B 82 4.28 22.52 22.27
CA ASN B 82 3.02 23.21 22.50
C ASN B 82 2.29 22.70 23.73
N GLY B 83 2.93 21.85 24.54
CA GLY B 83 2.31 21.33 25.74
C GLY B 83 1.18 20.36 25.47
N ILE B 84 1.46 19.32 24.69
CA ILE B 84 0.48 18.29 24.35
C ILE B 84 1.09 16.94 24.69
N GLY B 85 0.42 16.18 25.55
CA GLY B 85 0.90 14.87 25.95
C GLY B 85 0.25 14.36 27.22
N SER B 102 -10.39 25.48 34.30
CA SER B 102 -9.67 25.27 33.05
C SER B 102 -9.31 26.62 32.44
N LYS B 103 -8.04 26.80 32.07
CA LYS B 103 -7.64 27.99 31.33
C LYS B 103 -7.75 27.74 29.83
N ARG B 104 -7.23 26.60 29.37
CA ARG B 104 -7.37 26.16 27.99
C ARG B 104 -7.60 24.66 28.01
N PHE B 105 -8.57 24.20 27.21
CA PHE B 105 -8.91 22.80 27.18
C PHE B 105 -7.71 21.97 26.75
N SER B 106 -7.51 20.84 27.42
CA SER B 106 -6.39 19.96 27.13
C SER B 106 -6.59 19.29 25.78
N GLN B 107 -5.82 19.72 24.79
CA GLN B 107 -5.87 19.11 23.46
C GLN B 107 -5.13 17.78 23.50
N ALA B 108 -5.84 16.70 23.16
CA ALA B 108 -5.24 15.38 23.23
C ALA B 108 -4.24 15.18 22.09
N PRO B 109 -3.19 14.39 22.31
CA PRO B 109 -2.26 14.09 21.23
C PRO B 109 -2.92 13.28 20.13
N VAL B 110 -2.49 13.53 18.89
CA VAL B 110 -3.06 12.84 17.75
C VAL B 110 -2.63 11.38 17.76
N ILE B 111 -3.54 10.49 17.36
CA ILE B 111 -3.24 9.07 17.27
C ILE B 111 -2.62 8.79 15.91
N ILE B 112 -1.50 8.09 15.90
CA ILE B 112 -0.78 7.75 14.68
C ILE B 112 -0.69 6.24 14.58
N VAL B 113 -1.32 5.67 13.56
CA VAL B 113 -1.25 4.25 13.26
C VAL B 113 -0.31 4.05 12.08
N ALA B 114 0.80 3.36 12.32
CA ALA B 114 1.80 3.16 11.28
C ALA B 114 1.41 2.02 10.35
N LEU B 115 1.76 2.18 9.08
CA LEU B 115 1.55 1.14 8.06
C LEU B 115 2.89 0.46 7.81
N THR B 116 3.08 -0.70 8.42
CA THR B 116 4.36 -1.40 8.37
C THR B 116 4.41 -2.36 7.18
N ALA B 117 5.62 -2.87 6.92
CA ALA B 117 5.82 -3.76 5.79
C ALA B 117 5.44 -5.20 6.13
N SER B 118 5.91 -5.70 7.28
CA SER B 118 5.62 -7.05 7.72
C SER B 118 5.12 -7.01 9.16
N ASN B 119 4.84 -8.19 9.71
CA ASN B 119 4.37 -8.33 11.08
C ASN B 119 5.49 -8.75 12.03
N SER B 120 6.72 -8.36 11.73
CA SER B 120 7.85 -8.69 12.59
C SER B 120 7.96 -7.70 13.74
N GLN B 121 8.60 -8.14 14.81
CA GLN B 121 8.75 -7.29 15.99
C GLN B 121 9.63 -6.08 15.70
N MSE B 122 10.57 -6.20 14.78
CA MSE B 122 11.43 -5.08 14.42
C MSE B 122 10.63 -3.97 13.74
O MSE B 122 10.85 -2.79 14.01
CB MSE B 122 12.57 -5.55 13.49
CG MSE B 122 13.75 -6.16 14.22
SE MSE B 122 14.61 -4.89 15.43
CE MSE B 122 15.07 -3.51 14.13
N ASP B 123 9.70 -4.36 12.86
CA ASP B 123 8.83 -3.38 12.23
C ASP B 123 7.86 -2.77 13.24
N LYS B 124 7.53 -3.50 14.30
CA LYS B 124 6.64 -2.98 15.33
C LYS B 124 7.35 -2.01 16.24
N ARG B 125 8.56 -2.37 16.71
CA ARG B 125 9.30 -1.48 17.59
C ARG B 125 9.71 -0.20 16.89
N LYS B 126 10.09 -0.29 15.61
CA LYS B 126 10.45 0.91 14.87
C LYS B 126 9.30 1.91 14.82
N ALA B 127 8.07 1.42 14.78
CA ALA B 127 6.91 2.30 14.80
C ALA B 127 6.63 2.82 16.22
N LEU B 128 6.73 1.94 17.22
CA LEU B 128 6.47 2.36 18.59
C LEU B 128 7.52 3.34 19.08
N LEU B 129 8.80 3.08 18.78
CA LEU B 129 9.87 3.97 19.21
C LEU B 129 9.84 5.31 18.48
N SER B 130 9.12 5.40 17.37
CA SER B 130 9.00 6.64 16.62
C SER B 130 7.83 7.51 17.06
N GLY B 131 7.01 7.03 17.99
CA GLY B 131 5.88 7.79 18.49
C GLY B 131 4.53 7.37 17.96
N CYS B 132 4.43 6.23 17.29
CA CYS B 132 3.16 5.75 16.79
C CYS B 132 2.42 4.97 17.88
N ASN B 133 1.09 5.10 17.90
CA ASN B 133 0.29 4.43 18.91
C ASN B 133 0.07 2.96 18.57
N ASP B 134 -0.18 2.65 17.30
CA ASP B 134 -0.49 1.29 16.88
C ASP B 134 0.22 1.03 15.56
N TYR B 135 -0.16 -0.05 14.89
CA TYR B 135 0.48 -0.44 13.63
C TYR B 135 -0.43 -1.37 12.85
N LEU B 136 -0.35 -1.27 11.52
CA LEU B 136 -1.06 -2.15 10.61
C LEU B 136 -0.11 -2.57 9.50
N THR B 137 -0.14 -3.86 9.15
CA THR B 137 0.73 -4.36 8.10
C THR B 137 0.09 -4.16 6.74
N LYS B 138 0.94 -3.95 5.73
CA LYS B 138 0.49 -3.75 4.36
C LYS B 138 0.51 -5.07 3.58
N PRO B 139 -0.45 -5.29 2.67
CA PRO B 139 -1.55 -4.39 2.30
C PRO B 139 -2.59 -4.23 3.40
N VAL B 140 -3.07 -2.99 3.59
CA VAL B 140 -3.96 -2.69 4.71
C VAL B 140 -5.23 -3.50 4.57
N ASN B 141 -5.60 -4.19 5.66
CA ASN B 141 -6.83 -4.97 5.71
C ASN B 141 -7.97 -4.04 6.11
N LEU B 142 -9.00 -3.97 5.25
CA LEU B 142 -10.10 -3.05 5.51
C LEU B 142 -10.86 -3.41 6.78
N HIS B 143 -10.96 -4.69 7.11
CA HIS B 143 -11.55 -5.08 8.38
C HIS B 143 -10.68 -4.66 9.55
N ALA B 144 -9.35 -4.79 9.40
CA ALA B 144 -8.44 -4.32 10.43
C ALA B 144 -8.39 -2.79 10.47
N LEU B 145 -8.53 -2.13 9.32
CA LEU B 145 -8.61 -0.68 9.30
C LEU B 145 -9.84 -0.19 10.06
N SER B 146 -10.95 -0.91 9.93
CA SER B 146 -12.17 -0.53 10.65
C SER B 146 -11.98 -0.66 12.15
N LYS B 147 -11.39 -1.77 12.59
CA LYS B 147 -11.24 -2.02 14.02
C LYS B 147 -10.31 -1.00 14.66
N LYS B 148 -9.29 -0.53 13.94
CA LYS B 148 -8.42 0.50 14.48
C LYS B 148 -9.15 1.82 14.65
N ILE B 149 -10.09 2.12 13.76
CA ILE B 149 -10.82 3.39 13.85
C ILE B 149 -11.75 3.39 15.05
N THR B 150 -12.40 2.26 15.33
CA THR B 150 -13.30 2.20 16.47
C THR B 150 -12.53 2.07 17.78
N GLU B 151 -11.40 1.36 17.77
CA GLU B 151 -10.65 1.16 19.00
C GLU B 151 -10.00 2.46 19.49
N TRP B 152 -9.48 3.26 18.55
CA TRP B 152 -8.83 4.51 18.92
C TRP B 152 -9.77 5.71 18.83
N GLY B 153 -10.66 5.72 17.85
CA GLY B 153 -11.53 6.87 17.67
C GLY B 153 -12.59 6.99 18.75
N CYS B 154 -13.15 5.86 19.18
CA CYS B 154 -14.19 5.91 20.21
C CYS B 154 -13.65 6.28 21.58
N MSE B 155 -12.34 6.13 21.80
CA MSE B 155 -11.74 6.54 23.06
C MSE B 155 -11.54 8.05 23.10
O MSE B 155 -11.46 8.64 24.17
CB MSE B 155 -10.41 5.82 23.29
CG MSE B 155 -10.53 4.32 23.43
SE MSE B 155 -8.92 3.50 24.17
CE MSE B 155 -8.96 4.34 25.94
N GLN B 156 -11.48 8.65 21.92
CA GLN B 156 -11.38 10.11 21.80
C GLN B 156 -12.75 10.78 21.70
N ALA B 157 -13.80 10.02 21.43
CA ALA B 157 -15.15 10.57 21.38
C ALA B 157 -15.98 10.26 22.61
N LEU B 158 -15.63 9.21 23.36
CA LEU B 158 -16.38 8.81 24.54
C LEU B 158 -15.44 8.77 25.74
N ILE B 159 -16.01 9.01 26.92
CA ILE B 159 -15.25 9.06 28.16
C ILE B 159 -15.19 7.67 28.77
N ASP B 160 -13.98 7.26 29.20
CA ASP B 160 -13.76 5.97 29.85
C ASP B 160 -14.21 4.80 28.98
N PHE B 161 -14.06 4.93 27.66
CA PHE B 161 -14.35 3.83 26.74
C PHE B 161 -13.11 2.94 26.65
N ASP B 162 -13.19 1.76 27.25
CA ASP B 162 -12.05 0.86 27.33
C ASP B 162 -12.06 -0.05 26.11
N SER B 163 -11.20 0.28 25.13
CA SER B 163 -11.08 -0.56 23.95
C SER B 163 -10.36 -1.87 24.25
N TRP B 164 -9.59 -1.94 25.33
CA TRP B 164 -8.93 -3.18 25.72
C TRP B 164 -9.90 -4.19 26.34
N LYS B 165 -11.12 -3.78 26.65
CA LYS B 165 -12.11 -4.68 27.23
C LYS B 165 -12.69 -5.62 26.19
C1 GOL C . -14.56 -15.87 -5.96
O1 GOL C . -14.97 -15.68 -4.64
C2 GOL C . -15.48 -14.98 -6.83
O2 GOL C . -15.81 -13.79 -6.20
C3 GOL C . -14.68 -14.74 -8.13
O3 GOL C . -14.51 -15.98 -8.74
P PO4 D . 9.45 -2.70 1.50
O1 PO4 D . 10.22 -1.67 2.28
O2 PO4 D . 9.34 -2.27 0.06
O3 PO4 D . 10.16 -4.04 1.58
O4 PO4 D . 8.06 -2.83 2.08
C1 GOL E . -5.30 -1.64 20.63
O1 GOL E . -6.18 -0.57 20.82
C2 GOL E . -5.77 -2.78 21.56
O2 GOL E . -7.15 -2.81 21.69
C3 GOL E . -5.22 -4.07 20.91
O3 GOL E . -5.65 -5.13 21.70
C1 GOL F . -15.46 -4.07 8.86
O1 GOL F . -15.65 -4.29 7.49
C2 GOL F . -16.83 -4.27 9.54
O2 GOL F . -16.72 -4.94 10.75
C3 GOL F . -17.40 -2.84 9.72
O3 GOL F . -17.56 -2.30 8.44
P PO4 G . -6.42 -5.63 17.53
O1 PO4 G . -7.19 -5.81 18.82
O2 PO4 G . -5.00 -5.26 17.83
O3 PO4 G . -6.45 -6.92 16.75
O4 PO4 G . -7.06 -4.54 16.71
#